data_3EET
#
_entry.id   3EET
#
_cell.length_a   87.157
_cell.length_b   87.157
_cell.length_c   123.752
_cell.angle_alpha   90.00
_cell.angle_beta   90.00
_cell.angle_gamma   120.00
#
_symmetry.space_group_name_H-M   'P 3 2 1'
#
loop_
_entity.id
_entity.type
_entity.pdbx_description
1 polymer 'Putative GntR-family transcriptional regulator'
2 water water
#
_entity_poly.entity_id   1
_entity_poly.type   'polypeptide(L)'
_entity_poly.pdbx_seq_one_letter_code
;(MSE)GSSHHHHHHSSGRENLYFQGH(MSE)TFGEQPAYLRVAGDLRKKIVDGSLPPHTRLPSQARIREEYGVSDTVALE
ARKVL(MSE)AEGLVEGRSGSGTYVRERPVPRRVARSGYRPDSGATPFRQEQADGAVRGTWESHSEQAEASGAIAERLDI
RPGERV(MSE)CTKYVFRDAGEV(MSE)(MSE)LSTSWEPLAVTGRTPV(MSE)LPEEGPVGG(MSE)GVVER(MSE)AA
IDVIVDNVTEEVGARPGLAEELLTLGGVPGHVVLVIQRTYFASGRPVETADVVVPADRYRVAYHLPVK
;
_entity_poly.pdbx_strand_id   A,B
#
# COMPACT_ATOMS: atom_id res chain seq x y z
N TYR A 18 -15.54 7.85 3.14
CA TYR A 18 -15.82 8.07 1.72
C TYR A 18 -15.39 6.88 0.87
N PHE A 19 -14.27 6.24 1.23
CA PHE A 19 -13.75 5.12 0.46
C PHE A 19 -14.64 3.88 0.55
N GLU A 27 -45.51 48.13 -8.68
CA GLU A 27 -45.74 47.95 -7.25
C GLU A 27 -45.30 46.56 -6.78
N GLN A 28 -44.13 46.51 -6.14
CA GLN A 28 -43.60 45.25 -5.62
C GLN A 28 -44.46 44.79 -4.44
N PRO A 29 -44.57 43.47 -4.23
CA PRO A 29 -45.22 42.97 -3.01
C PRO A 29 -44.52 43.52 -1.76
N ALA A 30 -45.32 43.77 -0.72
CA ALA A 30 -44.79 44.40 0.49
C ALA A 30 -43.59 43.67 1.07
N TYR A 31 -43.69 42.35 1.18
CA TYR A 31 -42.65 41.57 1.83
C TYR A 31 -41.33 41.60 1.03
N LEU A 32 -41.44 41.74 -0.28
CA LEU A 32 -40.26 41.88 -1.15
C LEU A 32 -39.70 43.28 -1.06
N ARG A 33 -40.58 44.26 -0.91
N ARG A 33 -40.58 44.25 -0.87
CA ARG A 33 -40.14 45.62 -0.68
CA ARG A 33 -40.16 45.64 -0.69
C ARG A 33 -39.33 45.68 0.60
C ARG A 33 -39.41 45.81 0.62
N VAL A 34 -39.92 45.20 1.68
CA VAL A 34 -39.26 45.22 2.97
C VAL A 34 -37.95 44.44 2.93
N ALA A 35 -38.03 43.18 2.47
CA ALA A 35 -36.87 42.31 2.31
C ALA A 35 -35.79 42.94 1.44
N GLY A 36 -36.21 43.64 0.39
CA GLY A 36 -35.29 44.33 -0.49
C GLY A 36 -34.53 45.44 0.23
N ASP A 37 -35.22 46.14 1.11
CA ASP A 37 -34.60 47.25 1.84
C ASP A 37 -33.55 46.73 2.81
N LEU A 38 -33.87 45.62 3.48
CA LEU A 38 -32.96 45.02 4.47
C LEU A 38 -31.79 44.36 3.77
N ARG A 39 -32.06 43.77 2.61
CA ARG A 39 -31.03 43.14 1.79
C ARG A 39 -29.99 44.18 1.37
N LYS A 40 -30.47 45.34 0.92
CA LYS A 40 -29.59 46.44 0.55
C LYS A 40 -28.73 46.83 1.76
N LYS A 41 -29.39 47.01 2.91
CA LYS A 41 -28.70 47.33 4.16
C LYS A 41 -27.66 46.26 4.51
N ILE A 42 -27.92 45.02 4.15
CA ILE A 42 -26.99 43.93 4.37
C ILE A 42 -25.78 44.04 3.43
N VAL A 43 -26.05 44.34 2.16
CA VAL A 43 -24.99 44.53 1.18
C VAL A 43 -24.15 45.77 1.47
N ASP A 44 -24.83 46.80 1.98
CA ASP A 44 -24.18 48.05 2.40
C ASP A 44 -23.08 47.79 3.39
N GLY A 45 -23.38 46.91 4.34
CA GLY A 45 -22.54 46.77 5.52
C GLY A 45 -23.29 47.41 6.67
N SER A 46 -24.38 48.11 6.34
CA SER A 46 -25.25 48.70 7.36
C SER A 46 -25.63 47.64 8.38
N LEU A 47 -25.84 46.43 7.90
CA LEU A 47 -26.05 45.28 8.75
C LEU A 47 -24.91 44.30 8.51
N PRO A 48 -23.82 44.47 9.28
CA PRO A 48 -22.59 43.67 9.15
C PRO A 48 -22.80 42.24 9.62
N PRO A 49 -22.00 41.30 9.10
CA PRO A 49 -22.13 39.90 9.52
C PRO A 49 -22.03 39.76 11.03
N HIS A 50 -22.85 38.86 11.60
CA HIS A 50 -22.86 38.61 13.04
C HIS A 50 -23.69 39.65 13.80
N THR A 51 -24.20 40.65 13.07
CA THR A 51 -25.15 41.62 13.63
C THR A 51 -26.56 41.06 13.49
N ARG A 52 -27.38 41.24 14.52
CA ARG A 52 -28.77 40.79 14.48
C ARG A 52 -29.57 41.58 13.44
N LEU A 53 -30.40 40.87 12.68
CA LEU A 53 -31.38 41.49 11.81
C LEU A 53 -32.38 42.23 12.74
N PRO A 54 -32.95 43.37 12.28
CA PRO A 54 -33.95 44.01 13.13
C PRO A 54 -35.00 42.98 13.52
N SER A 55 -35.61 43.12 14.69
CA SER A 55 -36.57 42.13 15.15
C SER A 55 -37.90 42.22 14.37
N GLN A 56 -38.72 41.18 14.51
CA GLN A 56 -40.05 41.19 13.92
C GLN A 56 -40.81 42.43 14.34
N ALA A 57 -40.77 42.74 15.63
CA ALA A 57 -41.46 43.90 16.18
C ALA A 57 -40.92 45.19 15.56
N ARG A 58 -39.61 45.26 15.40
CA ARG A 58 -38.98 46.46 14.86
C ARG A 58 -39.31 46.66 13.38
N ILE A 59 -39.34 45.57 12.63
CA ILE A 59 -39.71 45.63 11.22
C ILE A 59 -41.15 46.11 11.04
N ARG A 60 -42.06 45.60 11.86
CA ARG A 60 -43.47 45.99 11.82
C ARG A 60 -43.65 47.48 12.03
N GLU A 61 -42.97 48.02 13.04
N GLU A 61 -42.96 48.01 13.05
CA GLU A 61 -43.11 49.43 13.40
CA GLU A 61 -43.06 49.41 13.44
C GLU A 61 -42.38 50.34 12.41
C GLU A 61 -42.38 50.32 12.43
N GLU A 62 -41.13 50.03 12.13
CA GLU A 62 -40.32 50.85 11.25
C GLU A 62 -40.89 50.96 9.84
N TYR A 63 -41.42 49.85 9.32
CA TYR A 63 -41.97 49.82 7.96
C TYR A 63 -43.50 49.90 7.90
N GLY A 64 -44.16 49.94 9.06
CA GLY A 64 -45.61 50.05 9.11
C GLY A 64 -46.32 48.90 8.43
N VAL A 65 -45.86 47.67 8.68
CA VAL A 65 -46.40 46.49 8.02
C VAL A 65 -47.05 45.52 9.00
N SER A 66 -47.84 44.60 8.46
CA SER A 66 -48.48 43.58 9.27
C SER A 66 -47.43 42.59 9.79
N ASP A 67 -47.83 41.80 10.78
CA ASP A 67 -46.93 40.81 11.36
C ASP A 67 -46.51 39.77 10.31
N THR A 68 -47.46 39.34 9.49
CA THR A 68 -47.15 38.33 8.47
C THR A 68 -46.16 38.89 7.45
N VAL A 69 -46.33 40.15 7.08
CA VAL A 69 -45.42 40.78 6.12
C VAL A 69 -43.98 40.84 6.67
N ALA A 70 -43.85 41.25 7.94
CA ALA A 70 -42.54 41.27 8.59
C ALA A 70 -41.92 39.87 8.65
N LEU A 71 -42.77 38.87 8.94
CA LEU A 71 -42.36 37.48 9.02
C LEU A 71 -41.88 36.94 7.66
N GLU A 72 -42.64 37.24 6.61
CA GLU A 72 -42.30 36.80 5.25
C GLU A 72 -41.08 37.51 4.67
N ALA A 73 -40.87 38.77 5.07
CA ALA A 73 -39.68 39.50 4.67
C ALA A 73 -38.44 38.79 5.22
N ARG A 74 -38.53 38.33 6.47
CA ARG A 74 -37.42 37.62 7.09
C ARG A 74 -37.16 36.27 6.42
N LYS A 75 -38.23 35.59 6.02
CA LYS A 75 -38.09 34.29 5.38
C LYS A 75 -37.41 34.40 4.01
N VAL A 76 -37.66 35.50 3.30
CA VAL A 76 -36.97 35.73 2.03
C VAL A 76 -35.47 35.71 2.30
N LEU A 77 -35.04 36.53 3.25
CA LEU A 77 -33.61 36.69 3.52
C LEU A 77 -32.94 35.41 4.01
N ALA A 79 -34.11 32.13 3.17
CA ALA A 79 -34.09 31.27 2.00
C ALA A 79 -32.96 31.69 1.06
N GLU A 80 -32.66 32.99 1.06
CA GLU A 80 -31.59 33.53 0.23
C GLU A 80 -30.21 33.26 0.85
N GLY A 81 -30.21 32.78 2.09
CA GLY A 81 -28.97 32.48 2.80
C GLY A 81 -28.21 33.71 3.30
N LEU A 82 -28.91 34.84 3.43
CA LEU A 82 -28.27 36.07 3.87
C LEU A 82 -28.26 36.20 5.39
N VAL A 83 -29.21 35.54 6.04
CA VAL A 83 -29.35 35.61 7.50
C VAL A 83 -29.63 34.23 8.06
N GLU A 84 -29.37 34.06 9.35
CA GLU A 84 -29.55 32.77 10.03
C GLU A 84 -29.94 32.99 11.49
N GLY A 85 -30.37 31.92 12.14
CA GLY A 85 -30.59 31.95 13.57
C GLY A 85 -29.38 31.38 14.31
N ARG A 86 -29.23 31.74 15.57
CA ARG A 86 -28.13 31.24 16.38
C ARG A 86 -28.29 31.61 17.85
N SER A 89 -31.06 34.00 20.22
CA SER A 89 -32.51 34.16 20.26
C SER A 89 -33.00 34.96 19.05
N GLY A 90 -32.07 35.50 18.27
CA GLY A 90 -32.42 36.34 17.15
C GLY A 90 -31.95 35.83 15.80
N THR A 91 -32.02 36.68 14.78
CA THR A 91 -31.56 36.33 13.44
C THR A 91 -30.34 37.15 13.05
N TYR A 92 -29.29 36.48 12.61
CA TYR A 92 -28.00 37.13 12.36
C TYR A 92 -27.59 37.15 10.90
N VAL A 93 -27.09 38.30 10.47
CA VAL A 93 -26.51 38.42 9.14
C VAL A 93 -25.33 37.45 9.06
N ARG A 94 -25.36 36.58 8.05
CA ARG A 94 -24.33 35.58 7.89
C ARG A 94 -23.07 36.16 7.28
N GLU A 95 -21.92 35.73 7.80
CA GLU A 95 -20.67 36.09 7.17
C GLU A 95 -20.38 35.07 6.08
N ARG A 96 -20.46 35.52 4.83
CA ARG A 96 -20.15 34.66 3.70
C ARG A 96 -18.69 34.81 3.29
N PRO A 97 -17.90 33.72 3.50
CA PRO A 97 -16.48 33.62 3.19
C PRO A 97 -16.12 33.99 1.74
N VAL A 98 -14.95 34.59 1.56
CA VAL A 98 -14.43 34.85 0.21
C VAL A 98 -14.10 33.50 -0.43
N PRO A 99 -14.63 33.26 -1.63
CA PRO A 99 -14.46 31.95 -2.25
C PRO A 99 -13.05 31.77 -2.81
N ARG A 100 -12.58 30.53 -2.80
CA ARG A 100 -11.30 30.17 -3.41
C ARG A 100 -11.55 29.48 -4.75
N ARG A 101 -10.61 29.60 -5.67
CA ARG A 101 -10.82 29.04 -6.99
C ARG A 101 -10.17 27.67 -7.10
N VAL A 102 -10.90 26.73 -7.69
CA VAL A 102 -10.31 25.49 -8.16
C VAL A 102 -10.06 25.66 -9.64
N ALA A 103 -8.79 25.80 -10.01
CA ALA A 103 -8.44 26.16 -11.38
C ALA A 103 -8.47 24.93 -12.28
N ARG A 104 -9.29 24.99 -13.32
CA ARG A 104 -9.43 23.88 -14.26
C ARG A 104 -8.63 24.14 -15.53
N SER A 105 -7.90 23.13 -15.97
CA SER A 105 -7.01 23.25 -17.14
C SER A 105 -6.73 21.88 -17.76
N GLY A 106 -6.44 21.87 -19.05
CA GLY A 106 -6.07 20.64 -19.75
C GLY A 106 -4.58 20.57 -20.03
N TYR A 107 -3.89 21.68 -19.85
CA TYR A 107 -2.46 21.77 -20.15
C TYR A 107 -1.59 21.18 -19.03
N ARG A 108 -0.31 20.96 -19.34
CA ARG A 108 0.64 20.36 -18.40
C ARG A 108 1.26 21.39 -17.45
N PRO A 109 1.45 21.01 -16.18
CA PRO A 109 1.98 21.90 -15.15
C PRO A 109 3.43 22.34 -15.42
N SER A 111 4.18 22.52 -12.06
CA SER A 111 5.52 21.93 -12.14
C SER A 111 5.45 20.45 -12.52
N GLY A 112 5.26 19.59 -11.52
CA GLY A 112 5.13 18.16 -11.74
C GLY A 112 3.69 17.68 -11.64
N ALA A 113 3.34 16.72 -12.49
CA ALA A 113 1.98 16.21 -12.58
C ALA A 113 1.63 15.23 -11.47
N THR A 114 0.44 15.42 -10.91
CA THR A 114 -0.13 14.55 -9.88
C THR A 114 -1.64 14.61 -10.05
N PRO A 115 -2.38 13.68 -9.42
CA PRO A 115 -3.85 13.78 -9.46
C PRO A 115 -4.35 15.08 -8.84
N PHE A 116 -3.64 15.60 -7.86
CA PHE A 116 -4.06 16.85 -7.23
C PHE A 116 -3.93 18.03 -8.19
N ARG A 117 -2.77 18.12 -8.85
CA ARG A 117 -2.47 19.22 -9.75
C ARG A 117 -3.37 19.12 -10.99
N GLN A 118 -3.79 17.91 -11.30
CA GLN A 118 -4.71 17.69 -12.40
C GLN A 118 -6.09 18.30 -12.13
N GLU A 119 -6.48 18.35 -10.85
CA GLU A 119 -7.79 18.87 -10.45
C GLU A 119 -7.71 20.34 -10.08
N GLN A 120 -6.58 20.74 -9.52
CA GLN A 120 -6.35 22.11 -9.08
C GLN A 120 -5.11 22.66 -9.79
N ALA A 121 -5.32 23.38 -10.89
CA ALA A 121 -4.22 23.85 -11.72
C ALA A 121 -3.41 24.96 -11.05
N ASP A 122 -3.96 25.52 -9.98
CA ASP A 122 -3.35 26.66 -9.31
C ASP A 122 -2.05 26.26 -8.64
N GLY A 123 -0.94 26.63 -9.27
CA GLY A 123 0.40 26.26 -8.81
C GLY A 123 0.73 26.69 -7.39
N ALA A 124 0.10 27.76 -6.93
CA ALA A 124 0.35 28.29 -5.59
C ALA A 124 -0.16 27.38 -4.47
N VAL A 125 -1.01 26.42 -4.83
CA VAL A 125 -1.62 25.56 -3.82
C VAL A 125 -0.86 24.24 -3.66
N ARG A 126 -0.28 24.05 -2.47
CA ARG A 126 0.40 22.81 -2.13
C ARG A 126 -0.61 21.80 -1.57
N GLY A 127 -0.73 20.65 -2.22
CA GLY A 127 -1.80 19.70 -1.89
C GLY A 127 -1.43 18.23 -1.87
N THR A 128 -2.22 17.45 -1.14
CA THR A 128 -1.97 16.02 -1.00
C THR A 128 -3.26 15.23 -1.20
N TRP A 129 -3.12 13.90 -1.28
CA TRP A 129 -4.29 13.06 -1.46
C TRP A 129 -4.12 11.69 -0.80
N GLU A 130 -5.24 11.07 -0.51
CA GLU A 130 -5.28 9.65 -0.19
C GLU A 130 -6.24 9.08 -1.20
N SER A 131 -6.01 7.86 -1.64
CA SER A 131 -6.85 7.24 -2.64
C SER A 131 -7.04 5.75 -2.34
N HIS A 132 -8.03 5.15 -2.99
CA HIS A 132 -8.25 3.72 -2.91
C HIS A 132 -8.77 3.21 -4.26
N SER A 133 -8.09 2.21 -4.82
CA SER A 133 -8.43 1.66 -6.13
C SER A 133 -8.92 0.21 -6.10
N GLU A 134 -10.02 -0.07 -6.81
CA GLU A 134 -10.50 -1.43 -6.94
C GLU A 134 -11.39 -1.59 -8.17
N GLN A 135 -11.26 -2.74 -8.83
CA GLN A 135 -12.05 -3.02 -10.03
C GLN A 135 -13.54 -3.04 -9.74
N ALA A 136 -14.33 -2.96 -10.81
CA ALA A 136 -15.77 -3.01 -10.68
C ALA A 136 -16.37 -3.25 -12.06
N GLU A 137 -17.61 -3.71 -12.08
CA GLU A 137 -18.38 -3.74 -13.32
C GLU A 137 -19.03 -2.37 -13.49
N ALA A 138 -18.86 -1.78 -14.66
CA ALA A 138 -19.39 -0.44 -14.95
C ALA A 138 -20.91 -0.38 -14.92
N SER A 139 -21.44 0.55 -14.14
CA SER A 139 -22.87 0.82 -14.14
C SER A 139 -23.28 1.32 -15.51
N GLY A 140 -24.59 1.38 -15.74
CA GLY A 140 -25.08 1.91 -17.00
C GLY A 140 -24.53 3.31 -17.22
N ALA A 141 -24.53 4.10 -16.15
CA ALA A 141 -24.19 5.52 -16.23
C ALA A 141 -22.72 5.70 -16.54
N ILE A 142 -21.89 4.91 -15.90
CA ILE A 142 -20.45 5.00 -16.12
C ILE A 142 -20.08 4.37 -17.45
N ALA A 143 -20.74 3.27 -17.80
CA ALA A 143 -20.54 2.62 -19.09
C ALA A 143 -20.78 3.64 -20.19
N GLU A 144 -21.86 4.40 -20.05
CA GLU A 144 -22.22 5.39 -21.05
C GLU A 144 -21.21 6.54 -21.17
N ARG A 145 -20.69 7.00 -20.04
CA ARG A 145 -19.72 8.09 -20.04
C ARG A 145 -18.40 7.64 -20.63
N LEU A 146 -18.12 6.34 -20.55
CA LEU A 146 -16.88 5.78 -21.08
C LEU A 146 -17.07 5.15 -22.47
N ASP A 147 -18.31 5.11 -22.94
CA ASP A 147 -18.64 4.52 -24.24
C ASP A 147 -18.18 3.07 -24.31
N ILE A 148 -18.53 2.30 -23.27
CA ILE A 148 -18.29 0.86 -23.25
C ILE A 148 -19.62 0.19 -22.88
N ARG A 149 -19.68 -1.12 -23.05
CA ARG A 149 -20.87 -1.88 -22.68
C ARG A 149 -21.04 -1.84 -21.18
N PRO A 150 -22.28 -1.64 -20.70
CA PRO A 150 -22.57 -1.76 -19.27
C PRO A 150 -22.10 -3.12 -18.75
N GLY A 151 -21.60 -3.17 -17.53
CA GLY A 151 -21.10 -4.41 -16.97
C GLY A 151 -19.66 -4.71 -17.33
N GLU A 152 -19.13 -4.00 -18.33
CA GLU A 152 -17.72 -4.15 -18.70
C GLU A 152 -16.83 -3.57 -17.60
N ARG A 153 -15.67 -4.19 -17.37
CA ARG A 153 -14.90 -3.87 -16.17
C ARG A 153 -14.10 -2.57 -16.24
N VAL A 154 -14.05 -1.88 -15.09
CA VAL A 154 -13.32 -0.63 -14.97
C VAL A 154 -12.49 -0.62 -13.69
N CYS A 156 -11.97 1.62 -10.57
CA CYS A 156 -12.54 2.75 -9.83
C CYS A 156 -11.58 3.20 -8.72
N THR A 157 -11.16 4.47 -8.78
CA THR A 157 -10.28 5.03 -7.77
C THR A 157 -10.93 6.23 -7.10
N LYS A 158 -10.97 6.24 -5.77
CA LYS A 158 -11.53 7.36 -5.05
C LYS A 158 -10.40 8.15 -4.41
N TYR A 159 -10.52 9.49 -4.45
CA TYR A 159 -9.52 10.39 -3.88
C TYR A 159 -10.13 11.32 -2.83
N VAL A 160 -9.35 11.58 -1.78
CA VAL A 160 -9.62 12.69 -0.88
C VAL A 160 -8.41 13.61 -0.99
N PHE A 161 -8.65 14.85 -1.39
CA PHE A 161 -7.57 15.83 -1.58
C PHE A 161 -7.57 16.84 -0.46
N ARG A 162 -6.39 17.16 0.03
CA ARG A 162 -6.22 18.17 1.07
C ARG A 162 -5.39 19.35 0.59
N ASP A 163 -5.76 20.54 1.06
CA ASP A 163 -5.00 21.76 0.85
C ASP A 163 -4.38 22.11 2.18
N ALA A 164 -3.07 21.90 2.28
CA ALA A 164 -2.36 22.14 3.54
C ALA A 164 -3.06 21.47 4.72
N GLY A 165 -3.34 20.18 4.60
CA GLY A 165 -3.93 19.41 5.68
C GLY A 165 -5.46 19.46 5.75
N GLU A 166 -6.06 20.42 5.04
CA GLU A 166 -7.50 20.59 5.08
C GLU A 166 -8.14 19.90 3.88
N VAL A 167 -9.04 18.95 4.13
CA VAL A 167 -9.77 18.28 3.06
C VAL A 167 -10.69 19.28 2.39
N LEU A 170 -13.17 15.99 -3.25
CA LEU A 170 -13.32 14.54 -3.40
C LEU A 170 -13.42 14.22 -4.87
N SER A 171 -13.13 12.97 -5.22
N SER A 171 -13.12 12.98 -5.24
CA SER A 171 -13.26 12.52 -6.61
CA SER A 171 -13.38 12.53 -6.59
C SER A 171 -13.41 11.00 -6.71
C SER A 171 -13.43 11.02 -6.70
N THR A 172 -14.23 10.55 -7.64
CA THR A 172 -14.29 9.14 -8.00
C THR A 172 -13.97 9.09 -9.49
N SER A 173 -12.99 8.28 -9.84
CA SER A 173 -12.51 8.19 -11.21
C SER A 173 -12.69 6.76 -11.70
N TRP A 174 -13.20 6.61 -12.92
CA TRP A 174 -13.35 5.30 -13.54
C TRP A 174 -12.54 5.25 -14.83
N GLU A 175 -11.81 4.15 -15.03
CA GLU A 175 -11.07 3.93 -16.27
C GLU A 175 -11.40 2.55 -16.85
N PRO A 176 -11.59 2.48 -18.18
CA PRO A 176 -11.90 1.18 -18.77
C PRO A 176 -10.68 0.26 -18.75
N LEU A 177 -10.82 -0.94 -18.21
CA LEU A 177 -9.71 -1.89 -18.20
C LEU A 177 -9.34 -2.28 -19.62
N ALA A 178 -10.25 -2.01 -20.55
CA ALA A 178 -9.97 -2.21 -21.97
C ALA A 178 -8.75 -1.40 -22.40
N VAL A 179 -8.56 -0.26 -21.74
CA VAL A 179 -7.45 0.63 -22.04
C VAL A 179 -6.24 0.35 -21.16
N THR A 180 -6.47 0.20 -19.85
CA THR A 180 -5.39 0.14 -18.87
C THR A 180 -5.09 -1.26 -18.36
N GLY A 181 -5.97 -2.20 -18.66
CA GLY A 181 -5.78 -3.57 -18.21
C GLY A 181 -4.51 -4.19 -18.73
N ARG A 182 -3.75 -4.82 -17.83
CA ARG A 182 -2.53 -5.51 -18.22
C ARG A 182 -1.43 -4.54 -18.64
N THR A 183 -1.53 -3.30 -18.18
CA THR A 183 -0.48 -2.32 -18.42
C THR A 183 0.11 -1.83 -17.09
N PRO A 184 1.27 -1.18 -17.14
CA PRO A 184 1.92 -0.61 -15.96
C PRO A 184 1.14 0.52 -15.30
N VAL A 185 0.13 1.08 -15.98
CA VAL A 185 -0.65 2.18 -15.43
C VAL A 185 -2.06 1.75 -15.03
N LEU A 187 -3.12 0.50 -12.24
CA LEU A 187 -3.40 1.13 -10.94
C LEU A 187 -2.85 2.56 -10.93
N PRO A 188 -3.74 3.55 -10.80
CA PRO A 188 -3.35 4.97 -10.93
C PRO A 188 -2.27 5.42 -9.94
N GLU A 189 -2.28 4.88 -8.72
CA GLU A 189 -1.34 5.33 -7.69
C GLU A 189 -0.24 4.32 -7.40
N GLU A 190 0.12 3.53 -8.42
CA GLU A 190 1.19 2.53 -8.33
C GLU A 190 2.00 2.46 -9.61
N GLY A 191 3.19 1.87 -9.53
CA GLY A 191 4.03 1.72 -10.71
C GLY A 191 4.84 2.95 -11.06
N PRO A 192 5.57 2.89 -12.18
CA PRO A 192 6.53 3.91 -12.61
C PRO A 192 5.94 5.29 -12.90
N VAL A 193 4.65 5.38 -13.19
CA VAL A 193 4.01 6.68 -13.40
C VAL A 193 2.79 6.85 -12.48
N GLY A 194 2.77 6.05 -11.41
CA GLY A 194 1.74 6.16 -10.41
C GLY A 194 1.83 7.49 -9.71
N GLY A 195 0.69 8.08 -9.37
CA GLY A 195 0.66 9.37 -8.71
C GLY A 195 0.93 10.55 -9.62
N GLY A 197 -1.07 11.22 -12.44
CA GLY A 197 -2.30 11.66 -13.09
C GLY A 197 -2.64 10.96 -14.39
N VAL A 198 -3.84 11.21 -14.90
CA VAL A 198 -4.37 10.52 -16.07
C VAL A 198 -3.62 10.79 -17.39
N VAL A 199 -3.33 12.05 -17.69
CA VAL A 199 -2.69 12.37 -18.98
C VAL A 199 -1.28 11.77 -19.10
N GLU A 200 -0.51 11.81 -18.01
CA GLU A 200 0.83 11.22 -17.99
C GLU A 200 0.79 9.69 -18.00
N ARG A 201 -0.10 9.12 -17.21
CA ARG A 201 -0.26 7.68 -17.15
C ARG A 201 -0.71 7.10 -18.49
N ALA A 203 -0.21 8.57 -21.49
CA ALA A 203 0.88 8.80 -22.45
C ALA A 203 1.93 7.69 -22.37
N ALA A 204 2.10 7.17 -21.16
CA ALA A 204 3.05 6.08 -20.93
C ALA A 204 2.63 4.78 -21.63
N ILE A 205 1.35 4.64 -21.94
CA ILE A 205 0.88 3.49 -22.69
C ILE A 205 0.44 3.87 -24.11
N ASP A 206 1.08 4.90 -24.65
CA ASP A 206 0.92 5.30 -26.06
C ASP A 206 -0.48 5.78 -26.37
N VAL A 207 -1.20 6.20 -25.33
CA VAL A 207 -2.54 6.76 -25.49
C VAL A 207 -2.50 8.26 -25.26
N ILE A 208 -2.76 9.03 -26.30
CA ILE A 208 -2.60 10.49 -26.24
C ILE A 208 -3.91 11.22 -25.99
N VAL A 209 -4.12 11.64 -24.74
CA VAL A 209 -5.28 12.43 -24.37
C VAL A 209 -5.21 13.80 -25.00
N ASP A 210 -6.24 14.16 -25.76
CA ASP A 210 -6.22 15.39 -26.55
C ASP A 210 -7.36 16.37 -26.23
N ASN A 211 -8.37 15.90 -25.51
CA ASN A 211 -9.54 16.71 -25.18
C ASN A 211 -10.08 16.34 -23.81
N VAL A 212 -10.69 17.30 -23.14
CA VAL A 212 -11.43 17.01 -21.90
C VAL A 212 -12.74 17.80 -21.85
N THR A 213 -13.83 17.11 -21.51
CA THR A 213 -15.11 17.77 -21.27
C THR A 213 -15.37 17.84 -19.78
N GLU A 214 -15.87 18.98 -19.32
CA GLU A 214 -16.19 19.17 -17.93
C GLU A 214 -17.54 19.84 -17.81
N GLU A 215 -18.45 19.20 -17.10
CA GLU A 215 -19.77 19.76 -16.84
C GLU A 215 -19.92 20.00 -15.35
N VAL A 216 -20.17 21.25 -14.99
CA VAL A 216 -20.27 21.64 -13.58
C VAL A 216 -21.73 21.73 -13.17
N GLY A 217 -22.11 20.90 -12.19
CA GLY A 217 -23.44 20.95 -11.60
C GLY A 217 -23.37 21.21 -10.11
N ALA A 218 -24.52 21.28 -9.45
CA ALA A 218 -24.57 21.49 -8.01
C ALA A 218 -25.73 20.69 -7.43
N ARG A 219 -25.53 20.16 -6.22
CA ARG A 219 -26.54 19.35 -5.56
C ARG A 219 -26.19 19.26 -4.09
N PRO A 220 -27.15 18.86 -3.24
CA PRO A 220 -26.80 18.61 -1.84
C PRO A 220 -25.74 17.49 -1.80
N GLY A 221 -24.79 17.59 -0.88
CA GLY A 221 -23.75 16.57 -0.78
C GLY A 221 -24.35 15.31 -0.23
N LEU A 222 -23.76 14.17 -0.58
CA LEU A 222 -24.09 12.90 0.06
C LEU A 222 -23.52 12.94 1.47
N ALA A 223 -24.18 12.25 2.40
CA ALA A 223 -23.67 12.17 3.76
C ALA A 223 -22.18 11.79 3.79
N GLU A 224 -21.83 10.75 3.03
N GLU A 224 -21.82 10.76 3.03
CA GLU A 224 -20.44 10.30 3.00
CA GLU A 224 -20.43 10.29 3.02
C GLU A 224 -19.49 11.38 2.50
C GLU A 224 -19.45 11.30 2.39
N GLU A 225 -19.95 12.20 1.56
CA GLU A 225 -19.14 13.30 1.04
C GLU A 225 -19.04 14.40 2.07
N LEU A 226 -20.18 14.85 2.56
CA LEU A 226 -20.23 15.95 3.53
C LEU A 226 -19.49 15.60 4.80
N LEU A 227 -19.59 14.35 5.24
CA LEU A 227 -18.86 13.94 6.43
C LEU A 227 -17.35 14.04 6.20
N THR A 228 -16.91 13.62 5.01
CA THR A 228 -15.49 13.70 4.65
C THR A 228 -15.05 15.17 4.45
N LEU A 229 -15.91 15.98 3.85
CA LEU A 229 -15.59 17.37 3.55
C LEU A 229 -15.81 18.31 4.74
N GLY A 230 -16.48 17.82 5.78
CA GLY A 230 -16.73 18.60 6.97
C GLY A 230 -17.87 19.61 6.89
N GLY A 231 -18.87 19.34 6.04
CA GLY A 231 -20.04 20.18 5.97
C GLY A 231 -21.20 19.59 6.75
N VAL A 232 -22.30 20.32 6.84
CA VAL A 232 -23.49 19.83 7.53
C VAL A 232 -24.44 19.19 6.52
N PRO A 233 -25.31 18.28 6.99
CA PRO A 233 -26.30 17.69 6.09
C PRO A 233 -27.01 18.76 5.27
N GLY A 234 -27.20 18.49 3.98
CA GLY A 234 -27.93 19.41 3.12
C GLY A 234 -27.00 20.40 2.46
N HIS A 235 -25.78 20.52 2.95
CA HIS A 235 -24.83 21.42 2.33
C HIS A 235 -24.62 21.09 0.86
N VAL A 236 -24.53 22.12 0.03
CA VAL A 236 -24.42 21.95 -1.41
C VAL A 236 -22.98 21.78 -1.84
N VAL A 237 -22.75 20.89 -2.80
CA VAL A 237 -21.44 20.73 -3.40
C VAL A 237 -21.52 21.04 -4.89
N LEU A 238 -20.41 21.51 -5.44
CA LEU A 238 -20.24 21.55 -6.88
C LEU A 238 -19.70 20.19 -7.35
N VAL A 239 -20.28 19.64 -8.41
CA VAL A 239 -19.84 18.38 -8.95
C VAL A 239 -19.44 18.53 -10.41
N ILE A 240 -18.16 18.31 -10.69
CA ILE A 240 -17.68 18.31 -12.06
C ILE A 240 -17.71 16.90 -12.62
N GLN A 241 -18.50 16.69 -13.66
CA GLN A 241 -18.42 15.46 -14.41
C GLN A 241 -17.40 15.68 -15.50
N ARG A 242 -16.27 15.00 -15.37
CA ARG A 242 -15.12 15.17 -16.24
C ARG A 242 -14.83 13.88 -17.03
N THR A 243 -14.60 14.00 -18.34
CA THR A 243 -14.24 12.85 -19.16
C THR A 243 -13.06 13.20 -20.08
N TYR A 244 -11.95 12.47 -19.94
CA TYR A 244 -10.78 12.63 -20.80
C TYR A 244 -10.93 11.81 -22.09
N PHE A 245 -10.50 12.39 -23.21
CA PHE A 245 -10.61 11.74 -24.52
C PHE A 245 -9.26 11.60 -25.20
N ALA A 246 -9.05 10.46 -25.84
CA ALA A 246 -7.91 10.21 -26.70
C ALA A 246 -8.42 9.76 -28.06
N SER A 247 -8.25 10.62 -29.06
CA SER A 247 -8.68 10.29 -30.42
C SER A 247 -10.16 9.90 -30.46
N GLY A 248 -10.98 10.64 -29.75
CA GLY A 248 -12.42 10.44 -29.79
C GLY A 248 -12.95 9.44 -28.79
N ARG A 249 -12.07 8.63 -28.21
N ARG A 249 -12.06 8.66 -28.19
CA ARG A 249 -12.51 7.62 -27.24
CA ARG A 249 -12.44 7.64 -27.23
C ARG A 249 -12.29 8.11 -25.81
C ARG A 249 -12.26 8.10 -25.79
N PRO A 250 -13.28 7.90 -24.93
CA PRO A 250 -13.12 8.19 -23.50
C PRO A 250 -12.10 7.25 -22.88
N VAL A 251 -11.17 7.79 -22.09
CA VAL A 251 -10.17 6.95 -21.42
C VAL A 251 -10.28 7.03 -19.89
N GLU A 252 -11.03 8.03 -19.41
CA GLU A 252 -11.27 8.20 -17.99
C GLU A 252 -12.49 9.12 -17.81
N THR A 253 -13.34 8.79 -16.84
CA THR A 253 -14.41 9.71 -16.44
C THR A 253 -14.40 9.83 -14.91
N ALA A 254 -14.79 11.00 -14.42
CA ALA A 254 -14.73 11.27 -12.98
C ALA A 254 -15.78 12.25 -12.52
N ASP A 255 -16.17 12.09 -11.27
CA ASP A 255 -17.00 13.04 -10.56
C ASP A 255 -16.08 13.72 -9.55
N VAL A 256 -15.86 15.01 -9.73
CA VAL A 256 -15.00 15.78 -8.84
C VAL A 256 -15.87 16.71 -7.98
N VAL A 257 -15.67 16.65 -6.66
CA VAL A 257 -16.60 17.28 -5.72
C VAL A 257 -15.93 18.30 -4.79
N VAL A 258 -16.44 19.53 -4.81
CA VAL A 258 -15.98 20.57 -3.90
C VAL A 258 -17.16 21.28 -3.21
N PRO A 259 -16.94 21.79 -1.99
CA PRO A 259 -17.98 22.47 -1.20
C PRO A 259 -18.35 23.82 -1.82
N ALA A 260 -19.64 24.02 -2.12
CA ALA A 260 -20.06 25.23 -2.79
C ALA A 260 -19.92 26.49 -1.94
N ASP A 261 -19.90 26.33 -0.63
CA ASP A 261 -19.81 27.50 0.25
C ASP A 261 -18.41 28.09 0.29
N ARG A 262 -17.42 27.30 -0.12
N ARG A 262 -17.42 27.30 -0.12
CA ARG A 262 -16.01 27.71 -0.01
CA ARG A 262 -16.02 27.69 -0.01
C ARG A 262 -15.31 27.87 -1.36
C ARG A 262 -15.31 27.88 -1.36
N TYR A 263 -15.80 27.19 -2.40
CA TYR A 263 -15.10 27.13 -3.68
C TYR A 263 -15.92 27.49 -4.92
N ARG A 264 -15.20 27.93 -5.95
CA ARG A 264 -15.74 28.10 -7.30
C ARG A 264 -14.84 27.38 -8.32
N VAL A 265 -15.44 26.93 -9.40
CA VAL A 265 -14.69 26.21 -10.43
C VAL A 265 -14.31 27.19 -11.54
N ALA A 266 -13.00 27.40 -11.71
CA ALA A 266 -12.50 28.47 -12.56
C ALA A 266 -11.94 27.97 -13.89
N TYR A 267 -12.42 28.58 -14.97
CA TYR A 267 -11.96 28.26 -16.32
C TYR A 267 -11.39 29.51 -16.97
N HIS A 268 -10.39 29.31 -17.83
CA HIS A 268 -9.86 30.39 -18.63
C HIS A 268 -9.89 29.96 -20.09
N LEU A 269 -10.66 30.67 -20.91
CA LEU A 269 -10.85 30.30 -22.31
C LEU A 269 -10.31 31.33 -23.28
N PRO A 270 -9.82 30.87 -24.44
CA PRO A 270 -9.41 31.81 -25.49
C PRO A 270 -10.66 32.35 -26.19
N VAL A 271 -10.54 33.54 -26.78
CA VAL A 271 -11.62 34.06 -27.60
C VAL A 271 -11.08 34.27 -29.00
N LYS A 272 -11.65 33.53 -29.97
CA LYS A 272 -11.21 33.61 -31.36
C LYS A 272 -12.38 33.89 -32.30
N TYR B 18 14.91 -9.19 13.29
CA TYR B 18 15.42 -9.48 11.95
C TYR B 18 15.22 -8.29 11.01
N PHE B 19 14.05 -7.67 11.09
CA PHE B 19 13.72 -6.52 10.25
C PHE B 19 14.46 -5.26 10.70
N TYR B 31 40.48 -43.56 25.34
CA TYR B 31 39.22 -42.89 25.61
C TYR B 31 38.23 -43.09 24.46
N LEU B 32 38.76 -43.44 23.29
CA LEU B 32 37.95 -43.57 22.09
C LEU B 32 37.22 -44.91 21.99
N ARG B 33 37.83 -45.97 22.51
CA ARG B 33 37.15 -47.26 22.58
C ARG B 33 35.93 -47.12 23.48
N VAL B 34 36.08 -46.34 24.55
CA VAL B 34 34.99 -46.12 25.50
C VAL B 34 33.90 -45.25 24.89
N ALA B 35 34.30 -44.12 24.32
CA ALA B 35 33.35 -43.25 23.62
C ALA B 35 32.61 -44.06 22.56
N GLY B 36 33.36 -44.88 21.84
CA GLY B 36 32.80 -45.75 20.83
C GLY B 36 31.69 -46.63 21.35
N ASP B 37 31.98 -47.42 22.38
CA ASP B 37 31.00 -48.34 22.94
C ASP B 37 29.74 -47.58 23.37
N LEU B 38 29.92 -46.52 24.16
CA LEU B 38 28.79 -45.73 24.63
C LEU B 38 28.06 -45.07 23.45
N ARG B 39 28.80 -44.61 22.47
CA ARG B 39 28.17 -44.09 21.26
C ARG B 39 27.33 -45.19 20.64
N LYS B 40 27.88 -46.39 20.60
CA LYS B 40 27.17 -47.55 20.05
C LYS B 40 25.85 -47.75 20.79
N LYS B 41 25.90 -47.70 22.12
CA LYS B 41 24.70 -47.92 22.95
C LYS B 41 23.69 -46.77 22.86
N ILE B 42 24.13 -45.62 22.36
CA ILE B 42 23.21 -44.52 22.07
C ILE B 42 22.60 -44.75 20.70
N VAL B 43 23.46 -45.06 19.73
CA VAL B 43 23.02 -45.41 18.39
C VAL B 43 22.11 -46.63 18.45
N ASP B 44 22.30 -47.44 19.49
CA ASP B 44 21.43 -48.58 19.76
C ASP B 44 20.02 -48.10 20.09
N GLY B 45 19.94 -47.16 21.02
CA GLY B 45 18.67 -46.76 21.61
C GLY B 45 18.61 -47.34 23.02
N SER B 46 19.67 -48.08 23.37
CA SER B 46 19.81 -48.63 24.70
C SER B 46 19.79 -47.50 25.72
N LEU B 47 20.28 -46.35 25.31
CA LEU B 47 20.22 -45.15 26.13
C LEU B 47 19.32 -44.12 25.44
N PRO B 48 18.00 -44.24 25.68
CA PRO B 48 16.99 -43.34 25.11
C PRO B 48 17.24 -41.88 25.49
N PRO B 49 16.76 -40.96 24.66
CA PRO B 49 16.89 -39.53 24.96
C PRO B 49 16.38 -39.23 26.36
N HIS B 50 16.95 -38.21 26.99
CA HIS B 50 16.54 -37.78 28.32
C HIS B 50 16.93 -38.78 29.43
N THR B 51 17.41 -39.95 29.04
CA THR B 51 17.95 -40.91 30.00
C THR B 51 19.39 -40.52 30.29
N ARG B 52 19.78 -40.58 31.56
CA ARG B 52 21.13 -40.20 31.96
C ARG B 52 22.16 -41.20 31.45
N LEU B 53 23.32 -40.68 31.06
CA LEU B 53 24.46 -41.49 30.66
C LEU B 53 25.06 -42.16 31.90
N PRO B 54 25.53 -43.40 31.77
CA PRO B 54 26.19 -44.06 32.91
C PRO B 54 27.09 -43.07 33.63
N SER B 55 26.94 -42.95 34.95
CA SER B 55 27.74 -41.99 35.71
C SER B 55 29.22 -42.26 35.50
N GLN B 56 30.05 -41.23 35.70
CA GLN B 56 31.49 -41.39 35.60
C GLN B 56 31.98 -42.61 36.35
N ALA B 57 31.43 -42.83 37.54
CA ALA B 57 31.83 -43.95 38.40
C ALA B 57 31.49 -45.29 37.78
N ARG B 58 30.32 -45.36 37.14
CA ARG B 58 29.89 -46.58 36.47
C ARG B 58 30.89 -46.94 35.39
N ILE B 59 31.16 -45.98 34.51
CA ILE B 59 32.07 -46.16 33.39
C ILE B 59 33.47 -46.65 33.83
N ARG B 60 33.95 -46.13 34.96
CA ARG B 60 35.28 -46.50 35.44
C ARG B 60 35.41 -47.97 35.85
N GLU B 61 34.65 -48.40 36.85
CA GLU B 61 34.69 -49.79 37.31
C GLU B 61 34.28 -50.78 36.21
N GLU B 62 33.39 -50.34 35.33
CA GLU B 62 32.90 -51.22 34.28
C GLU B 62 33.92 -51.47 33.16
N TYR B 63 34.57 -50.40 32.69
CA TYR B 63 35.54 -50.50 31.60
C TYR B 63 36.98 -50.60 32.08
N GLY B 64 37.19 -50.59 33.39
CA GLY B 64 38.53 -50.74 33.97
C GLY B 64 39.51 -49.65 33.58
N VAL B 65 39.01 -48.42 33.47
CA VAL B 65 39.81 -47.30 32.99
C VAL B 65 39.95 -46.19 34.03
N SER B 66 40.95 -45.34 33.81
CA SER B 66 41.18 -44.18 34.64
C SER B 66 39.94 -43.30 34.69
N ASP B 67 39.87 -42.40 35.66
CA ASP B 67 38.79 -41.44 35.72
C ASP B 67 38.96 -40.37 34.65
N THR B 68 40.22 -40.13 34.28
CA THR B 68 40.56 -39.25 33.17
C THR B 68 40.07 -39.83 31.85
N VAL B 69 40.33 -41.12 31.65
CA VAL B 69 39.88 -41.82 30.46
C VAL B 69 38.36 -41.71 30.32
N ALA B 70 37.66 -41.96 31.41
CA ALA B 70 36.19 -41.85 31.43
C ALA B 70 35.75 -40.40 31.15
N LEU B 71 36.50 -39.46 31.70
CA LEU B 71 36.19 -38.05 31.55
C LEU B 71 36.31 -37.63 30.08
N GLU B 72 37.40 -38.06 29.46
CA GLU B 72 37.65 -37.79 28.05
C GLU B 72 36.58 -38.42 27.17
N ALA B 73 36.20 -39.64 27.52
CA ALA B 73 35.21 -40.38 26.75
C ALA B 73 33.90 -39.60 26.71
N ARG B 74 33.54 -39.01 27.84
CA ARG B 74 32.32 -38.21 27.93
C ARG B 74 32.49 -36.90 27.17
N LYS B 75 33.70 -36.35 27.18
CA LYS B 75 33.94 -35.11 26.49
C LYS B 75 33.72 -35.29 24.99
N VAL B 76 34.02 -36.48 24.48
CA VAL B 76 33.83 -36.77 23.06
C VAL B 76 32.34 -36.72 22.68
N LEU B 77 31.52 -37.43 23.44
CA LEU B 77 30.08 -37.42 23.19
C LEU B 77 29.51 -36.02 23.41
N ALA B 79 30.96 -33.14 22.85
CA ALA B 79 31.29 -32.38 21.66
C ALA B 79 30.53 -32.82 20.41
N GLU B 80 30.25 -34.11 20.31
CA GLU B 80 29.50 -34.65 19.16
C GLU B 80 28.03 -34.26 19.24
N GLY B 81 27.66 -33.62 20.36
CA GLY B 81 26.32 -33.11 20.55
C GLY B 81 25.36 -34.15 21.08
N LEU B 82 25.87 -35.36 21.29
CA LEU B 82 25.05 -36.49 21.70
C LEU B 82 24.65 -36.44 23.18
N VAL B 83 25.49 -35.86 24.03
CA VAL B 83 25.18 -35.79 25.45
C VAL B 83 25.35 -34.39 26.04
N GLU B 84 24.53 -34.10 27.04
CA GLU B 84 24.53 -32.79 27.70
C GLU B 84 24.52 -32.95 29.22
N THR B 91 24.71 -36.34 33.53
CA THR B 91 24.90 -36.22 32.09
C THR B 91 23.78 -36.97 31.35
N TYR B 92 23.10 -36.27 30.43
CA TYR B 92 21.91 -36.82 29.80
C TYR B 92 22.04 -37.07 28.30
N VAL B 93 21.28 -38.05 27.80
CA VAL B 93 21.23 -38.33 26.37
C VAL B 93 20.37 -37.27 25.68
N ARG B 94 20.87 -36.78 24.55
CA ARG B 94 20.27 -35.64 23.86
C ARG B 94 19.12 -36.05 22.94
N GLU B 95 18.12 -35.16 22.82
CA GLU B 95 16.97 -35.40 21.95
C GLU B 95 17.09 -34.63 20.63
N ARG B 96 17.82 -35.22 19.68
CA ARG B 96 17.97 -34.61 18.37
C ARG B 96 16.73 -34.92 17.51
N PRO B 97 16.05 -33.85 17.04
CA PRO B 97 14.80 -33.93 16.26
C PRO B 97 14.99 -34.67 14.95
N VAL B 98 13.93 -35.25 14.39
CA VAL B 98 14.00 -35.84 13.06
C VAL B 98 13.75 -34.75 12.03
N PRO B 99 14.78 -34.46 11.20
CA PRO B 99 14.73 -33.28 10.34
C PRO B 99 13.64 -33.39 9.29
N ARG B 100 13.10 -32.25 8.91
CA ARG B 100 12.15 -32.16 7.80
C ARG B 100 12.92 -31.63 6.61
N ARG B 101 12.34 -31.76 5.42
CA ARG B 101 13.05 -31.39 4.20
C ARG B 101 12.62 -30.03 3.64
N VAL B 102 13.59 -29.15 3.41
CA VAL B 102 13.35 -27.94 2.64
C VAL B 102 13.69 -28.22 1.16
N ALA B 103 12.66 -28.44 0.37
CA ALA B 103 12.84 -28.88 -1.00
C ALA B 103 13.29 -27.72 -1.88
N ARG B 104 14.45 -27.87 -2.52
CA ARG B 104 14.96 -26.85 -3.43
C ARG B 104 14.75 -27.27 -4.88
N SER B 105 14.28 -26.34 -5.71
CA SER B 105 13.98 -26.62 -7.11
C SER B 105 14.05 -25.37 -8.02
N GLY B 106 13.91 -25.59 -9.32
CA GLY B 106 13.93 -24.51 -10.29
C GLY B 106 12.80 -24.58 -11.31
N TYR B 107 11.80 -25.42 -11.03
CA TYR B 107 10.67 -25.61 -11.94
C TYR B 107 9.42 -24.81 -11.50
N ARG B 108 8.53 -24.54 -12.45
CA ARG B 108 7.32 -23.76 -12.18
C ARG B 108 6.31 -24.54 -11.33
N SER B 111 -0.74 -21.28 -12.08
CA SER B 111 0.67 -21.13 -11.71
C SER B 111 0.86 -21.30 -10.20
N GLY B 112 0.65 -20.23 -9.45
CA GLY B 112 0.61 -20.30 -7.99
C GLY B 112 1.94 -20.13 -7.29
N ALA B 113 2.84 -19.38 -7.91
CA ALA B 113 4.14 -19.12 -7.31
C ALA B 113 4.03 -18.10 -6.17
N THR B 114 4.81 -18.32 -5.12
CA THR B 114 4.91 -17.37 -4.01
C THR B 114 6.34 -17.40 -3.49
N PRO B 115 6.73 -16.40 -2.69
CA PRO B 115 8.09 -16.42 -2.12
C PRO B 115 8.32 -17.67 -1.28
N PHE B 116 7.30 -18.14 -0.58
CA PHE B 116 7.46 -19.35 0.22
C PHE B 116 7.66 -20.59 -0.65
N ARG B 117 6.78 -20.79 -1.62
CA ARG B 117 6.84 -21.94 -2.52
C ARG B 117 8.15 -21.93 -3.28
N GLN B 118 8.71 -20.75 -3.50
CA GLN B 118 10.00 -20.59 -4.16
C GLN B 118 11.17 -21.15 -3.32
N GLU B 119 11.06 -21.05 -2.00
CA GLU B 119 12.10 -21.53 -1.10
C GLU B 119 11.79 -22.93 -0.59
N GLN B 120 10.51 -23.30 -0.65
CA GLN B 120 10.04 -24.59 -0.18
C GLN B 120 9.11 -25.22 -1.22
N ALA B 121 9.64 -26.13 -2.03
CA ALA B 121 8.90 -26.74 -3.14
C ALA B 121 7.86 -27.74 -2.67
N ASP B 122 8.07 -28.30 -1.49
CA ASP B 122 7.16 -29.29 -0.92
C ASP B 122 5.72 -28.81 -1.00
N GLY B 123 5.04 -29.16 -2.09
CA GLY B 123 3.69 -28.66 -2.35
C GLY B 123 2.67 -29.01 -1.28
N ALA B 124 3.12 -29.77 -0.28
CA ALA B 124 2.22 -30.23 0.76
C ALA B 124 2.46 -29.54 2.10
N VAL B 125 3.31 -28.51 2.10
CA VAL B 125 3.58 -27.76 3.32
C VAL B 125 2.78 -26.44 3.28
N ARG B 126 2.30 -26.01 4.45
CA ARG B 126 1.40 -24.85 4.54
C ARG B 126 2.10 -23.56 4.97
N GLY B 127 2.63 -22.81 4.00
CA GLY B 127 3.52 -21.70 4.28
C GLY B 127 3.03 -20.28 4.11
N THR B 128 3.52 -19.40 4.99
CA THR B 128 3.18 -17.99 4.97
C THR B 128 4.43 -17.15 5.22
N TRP B 129 4.34 -15.84 5.02
CA TRP B 129 5.50 -14.96 5.18
C TRP B 129 5.15 -13.50 5.58
N GLU B 130 6.02 -12.89 6.38
CA GLU B 130 6.06 -11.44 6.52
C GLU B 130 7.25 -10.99 5.71
N SER B 131 7.26 -9.73 5.29
CA SER B 131 8.44 -9.19 4.61
C SER B 131 8.60 -7.70 4.85
N HIS B 132 9.82 -7.21 4.62
CA HIS B 132 10.10 -5.79 4.65
C HIS B 132 11.05 -5.46 3.53
N SER B 133 10.65 -4.53 2.67
CA SER B 133 11.46 -4.11 1.55
C SER B 133 12.00 -2.69 1.77
N GLU B 134 13.26 -2.46 1.43
CA GLU B 134 13.81 -1.12 1.42
C GLU B 134 15.05 -1.00 0.55
N GLN B 135 15.30 0.20 0.04
CA GLN B 135 16.43 0.41 -0.86
C GLN B 135 17.75 0.54 -0.13
N ALA B 136 18.83 0.18 -0.80
CA ALA B 136 20.15 0.21 -0.21
C ALA B 136 21.19 0.34 -1.31
N GLU B 137 22.36 0.86 -0.95
CA GLU B 137 23.51 0.76 -1.84
C GLU B 137 24.11 -0.62 -1.64
N ALA B 138 24.38 -1.33 -2.72
CA ALA B 138 24.93 -2.67 -2.64
C ALA B 138 26.32 -2.67 -2.01
N SER B 139 26.52 -3.51 -0.99
CA SER B 139 27.85 -3.69 -0.42
C SER B 139 28.77 -4.29 -1.48
N GLY B 140 30.06 -4.31 -1.19
CA GLY B 140 31.02 -4.93 -2.09
C GLY B 140 30.62 -6.36 -2.38
N ALA B 141 30.26 -7.09 -1.31
CA ALA B 141 29.92 -8.51 -1.41
C ALA B 141 28.68 -8.72 -2.27
N ILE B 142 27.63 -7.95 -2.00
CA ILE B 142 26.38 -8.06 -2.73
C ILE B 142 26.52 -7.60 -4.18
N ALA B 143 27.25 -6.52 -4.38
CA ALA B 143 27.47 -5.97 -5.72
C ALA B 143 28.17 -7.00 -6.61
N GLU B 144 29.14 -7.69 -6.04
CA GLU B 144 29.83 -8.74 -6.76
C GLU B 144 28.88 -9.87 -7.09
N ARG B 145 28.07 -10.25 -6.10
CA ARG B 145 27.09 -11.31 -6.28
C ARG B 145 26.08 -10.97 -7.37
N LEU B 146 25.79 -9.68 -7.54
CA LEU B 146 24.83 -9.23 -8.54
C LEU B 146 25.50 -8.71 -9.80
N ASP B 147 26.82 -8.78 -9.85
CA ASP B 147 27.58 -8.24 -10.97
C ASP B 147 27.13 -6.81 -11.29
N ILE B 148 27.17 -5.98 -10.26
CA ILE B 148 26.90 -4.56 -10.38
C ILE B 148 27.99 -3.79 -9.64
N ARG B 149 28.12 -2.50 -9.94
CA ARG B 149 29.07 -1.64 -9.23
C ARG B 149 28.77 -1.58 -7.74
N PRO B 150 29.80 -1.73 -6.89
CA PRO B 150 29.56 -1.46 -5.47
C PRO B 150 28.94 -0.08 -5.33
N GLY B 151 27.99 0.07 -4.42
CA GLY B 151 27.32 1.34 -4.22
C GLY B 151 26.08 1.52 -5.09
N GLU B 152 26.03 0.80 -6.20
CA GLU B 152 24.83 0.78 -7.03
C GLU B 152 23.65 0.32 -6.17
N ARG B 153 22.47 0.85 -6.44
CA ARG B 153 21.34 0.60 -5.54
C ARG B 153 20.63 -0.71 -5.82
N VAL B 154 20.11 -1.29 -4.74
CA VAL B 154 19.38 -2.54 -4.80
C VAL B 154 18.12 -2.41 -3.94
N CYS B 156 16.33 -4.32 -1.13
CA CYS B 156 16.57 -5.40 -0.16
C CYS B 156 15.29 -5.79 0.54
N THR B 157 14.95 -7.07 0.47
CA THR B 157 13.71 -7.55 1.08
C THR B 157 14.03 -8.67 2.05
N LYS B 158 13.62 -8.49 3.30
CA LYS B 158 13.83 -9.49 4.32
C LYS B 158 12.52 -10.24 4.55
N TYR B 159 12.61 -11.57 4.60
CA TYR B 159 11.44 -12.43 4.81
C TYR B 159 11.58 -13.30 6.05
N VAL B 160 10.45 -13.57 6.70
CA VAL B 160 10.35 -14.60 7.73
C VAL B 160 9.26 -15.56 7.29
N PHE B 161 9.62 -16.83 7.07
CA PHE B 161 8.68 -17.83 6.59
C PHE B 161 8.20 -18.74 7.72
N ARG B 162 6.95 -19.19 7.61
CA ARG B 162 6.34 -20.02 8.63
C ARG B 162 5.74 -21.29 8.08
N ASP B 163 5.99 -22.40 8.75
CA ASP B 163 5.33 -23.66 8.44
C ASP B 163 4.19 -23.85 9.44
N ALA B 164 2.97 -23.61 8.98
CA ALA B 164 1.78 -23.74 9.82
C ALA B 164 1.89 -22.95 11.11
N GLY B 165 2.29 -21.67 11.00
CA GLY B 165 2.35 -20.77 12.13
C GLY B 165 3.69 -20.74 12.83
N GLU B 166 4.55 -21.70 12.51
CA GLU B 166 5.85 -21.79 13.14
C GLU B 166 6.94 -21.28 12.21
N VAL B 167 7.75 -20.34 12.70
CA VAL B 167 8.87 -19.81 11.93
C VAL B 167 9.91 -20.90 11.72
N LEU B 170 14.25 -17.96 7.28
CA LEU B 170 14.44 -16.54 7.03
C LEU B 170 15.16 -16.38 5.69
N SER B 171 14.99 -15.23 5.07
CA SER B 171 15.86 -14.89 3.95
C SER B 171 16.04 -13.39 3.82
N THR B 172 17.17 -13.00 3.25
CA THR B 172 17.37 -11.63 2.80
C THR B 172 17.63 -11.69 1.30
N SER B 173 16.93 -10.86 0.56
CA SER B 173 16.98 -10.88 -0.90
C SER B 173 17.35 -9.51 -1.43
N TRP B 174 18.26 -9.50 -2.40
CA TRP B 174 18.67 -8.25 -3.05
C TRP B 174 18.46 -8.34 -4.56
N GLU B 175 17.89 -7.30 -5.14
CA GLU B 175 17.75 -7.18 -6.58
C GLU B 175 18.26 -5.83 -7.06
N PRO B 176 18.93 -5.80 -8.23
CA PRO B 176 19.42 -4.51 -8.75
C PRO B 176 18.28 -3.63 -9.25
N LEU B 177 18.24 -2.37 -8.83
CA LEU B 177 17.24 -1.47 -9.38
C LEU B 177 17.51 -1.24 -10.87
N ALA B 178 18.73 -1.56 -11.30
CA ALA B 178 19.08 -1.48 -12.71
C ALA B 178 18.21 -2.46 -13.50
N VAL B 179 17.63 -3.42 -12.79
CA VAL B 179 16.77 -4.41 -13.41
C VAL B 179 15.29 -4.11 -13.13
N THR B 180 14.97 -3.85 -11.87
CA THR B 180 13.59 -3.72 -11.44
C THR B 180 13.13 -2.27 -11.25
N GLY B 181 14.08 -1.34 -11.25
CA GLY B 181 13.77 0.06 -11.02
C GLY B 181 12.76 0.64 -12.01
N ARG B 182 11.76 1.35 -11.48
CA ARG B 182 10.75 1.99 -12.30
C ARG B 182 9.96 0.98 -13.12
N THR B 183 9.74 -0.19 -12.53
CA THR B 183 8.88 -1.19 -13.12
C THR B 183 7.83 -1.62 -12.09
N PRO B 184 6.77 -2.30 -12.53
CA PRO B 184 5.72 -2.76 -11.61
C PRO B 184 6.18 -3.82 -10.60
N VAL B 185 7.36 -4.39 -10.78
CA VAL B 185 7.85 -5.42 -9.86
C VAL B 185 9.03 -4.92 -9.01
N LEU B 187 8.96 -3.43 -6.23
CA LEU B 187 8.69 -3.91 -4.88
C LEU B 187 8.13 -5.33 -4.95
N PRO B 188 8.89 -6.33 -4.46
CA PRO B 188 8.56 -7.75 -4.57
C PRO B 188 7.20 -8.13 -4.00
N GLU B 189 6.74 -7.44 -2.96
CA GLU B 189 5.50 -7.82 -2.27
C GLU B 189 4.36 -6.83 -2.45
N GLU B 190 4.36 -6.11 -3.56
CA GLU B 190 3.28 -5.18 -3.88
C GLU B 190 3.05 -5.10 -5.38
N GLY B 191 1.89 -4.59 -5.75
CA GLY B 191 1.50 -4.50 -7.15
C GLY B 191 0.92 -5.81 -7.68
N PRO B 192 0.72 -5.88 -8.99
CA PRO B 192 0.01 -6.96 -9.69
C PRO B 192 0.75 -8.30 -9.69
N VAL B 193 2.07 -8.27 -9.55
CA VAL B 193 2.86 -9.50 -9.51
C VAL B 193 3.41 -9.71 -8.11
N GLY B 194 2.98 -8.86 -7.18
CA GLY B 194 3.42 -8.93 -5.80
C GLY B 194 3.12 -10.28 -5.21
N GLY B 195 4.02 -10.77 -4.36
CA GLY B 195 3.85 -12.03 -3.68
C GLY B 195 3.83 -13.27 -4.56
N GLY B 197 6.81 -14.27 -6.26
CA GLY B 197 8.18 -14.78 -6.36
C GLY B 197 9.01 -14.15 -7.47
N VAL B 198 10.30 -14.47 -7.49
CA VAL B 198 11.26 -13.85 -8.41
C VAL B 198 11.09 -14.24 -9.87
N VAL B 199 10.96 -15.54 -10.15
CA VAL B 199 10.82 -15.97 -11.53
C VAL B 199 9.59 -15.36 -12.21
N GLU B 200 8.45 -15.37 -11.52
CA GLU B 200 7.22 -14.80 -12.05
C GLU B 200 7.33 -13.28 -12.22
N ARG B 201 7.86 -12.61 -11.21
CA ARG B 201 8.00 -11.15 -11.25
C ARG B 201 8.93 -10.69 -12.37
N ALA B 203 9.58 -12.31 -15.03
CA ALA B 203 8.86 -12.63 -16.26
C ALA B 203 7.84 -11.56 -16.62
N ALA B 204 7.30 -10.90 -15.60
CA ALA B 204 6.36 -9.81 -15.81
C ALA B 204 7.04 -8.63 -16.50
N ILE B 205 8.36 -8.54 -16.38
CA ILE B 205 9.10 -7.45 -17.04
C ILE B 205 10.06 -7.98 -18.10
N ASP B 206 9.72 -9.15 -18.65
CA ASP B 206 10.45 -9.75 -19.78
C ASP B 206 11.92 -10.01 -19.46
N VAL B 207 12.16 -10.43 -18.23
CA VAL B 207 13.44 -10.96 -17.82
C VAL B 207 13.22 -12.46 -17.58
N ILE B 208 13.79 -13.29 -18.44
CA ILE B 208 13.57 -14.74 -18.35
C ILE B 208 14.64 -15.43 -17.52
N VAL B 209 14.30 -15.76 -16.27
CA VAL B 209 15.20 -16.51 -15.41
C VAL B 209 15.32 -17.95 -15.91
N ASP B 210 16.54 -18.39 -16.20
CA ASP B 210 16.77 -19.70 -16.80
C ASP B 210 17.71 -20.57 -15.98
N ASN B 211 18.30 -19.99 -14.94
CA ASN B 211 19.22 -20.71 -14.08
C ASN B 211 19.20 -20.21 -12.66
N VAL B 212 19.54 -21.08 -11.72
CA VAL B 212 19.75 -20.67 -10.35
C VAL B 212 20.96 -21.37 -9.76
N THR B 213 21.78 -20.60 -9.04
CA THR B 213 22.89 -21.17 -8.31
C THR B 213 22.56 -21.19 -6.81
N GLU B 214 22.84 -22.32 -6.16
CA GLU B 214 22.65 -22.41 -4.73
C GLU B 214 23.86 -23.04 -4.06
N GLU B 215 24.47 -22.29 -3.16
CA GLU B 215 25.61 -22.78 -2.40
C GLU B 215 25.20 -22.88 -0.95
N VAL B 216 25.26 -24.09 -0.42
CA VAL B 216 24.82 -24.35 0.95
C VAL B 216 26.00 -24.47 1.90
N GLY B 217 26.04 -23.57 2.88
CA GLY B 217 27.05 -23.60 3.91
C GLY B 217 26.42 -23.73 5.28
N ALA B 218 27.24 -23.80 6.32
CA ALA B 218 26.76 -23.90 7.69
C ALA B 218 27.61 -23.05 8.63
N ARG B 219 26.95 -22.39 9.56
CA ARG B 219 27.62 -21.54 10.53
C ARG B 219 26.73 -21.39 11.75
N PRO B 220 27.31 -20.97 12.88
CA PRO B 220 26.48 -20.59 14.01
C PRO B 220 25.56 -19.45 13.59
N GLY B 221 24.35 -19.40 14.16
CA GLY B 221 23.41 -18.37 13.78
C GLY B 221 23.75 -17.03 14.40
N LEU B 222 23.42 -15.95 13.70
CA LEU B 222 23.49 -14.62 14.29
C LEU B 222 22.44 -14.55 15.37
N ALA B 223 22.67 -13.73 16.38
CA ALA B 223 21.72 -13.60 17.47
C ALA B 223 20.34 -13.35 16.88
N GLU B 224 20.25 -12.42 15.94
CA GLU B 224 18.98 -11.99 15.36
C GLU B 224 18.28 -13.07 14.53
N GLU B 225 19.05 -13.96 13.90
CA GLU B 225 18.49 -15.09 13.18
C GLU B 225 17.94 -16.12 14.17
N LEU B 226 18.77 -16.47 15.15
CA LEU B 226 18.39 -17.44 16.16
C LEU B 226 17.17 -17.00 16.95
N LEU B 227 17.09 -15.70 17.25
CA LEU B 227 15.98 -15.18 18.01
C LEU B 227 14.67 -15.24 17.23
N THR B 228 14.75 -15.05 15.92
CA THR B 228 13.60 -15.17 15.04
C THR B 228 13.24 -16.65 14.88
N LEU B 229 14.25 -17.48 14.65
CA LEU B 229 14.05 -18.90 14.40
C LEU B 229 13.92 -19.73 15.67
N GLY B 230 14.24 -19.14 16.81
CA GLY B 230 14.03 -19.80 18.10
C GLY B 230 15.10 -20.80 18.53
N GLY B 231 16.35 -20.53 18.18
CA GLY B 231 17.45 -21.36 18.63
C GLY B 231 18.14 -20.71 19.81
N VAL B 232 18.95 -21.50 20.54
CA VAL B 232 19.75 -20.94 21.62
C VAL B 232 21.07 -20.42 21.06
N PRO B 233 21.61 -19.36 21.67
CA PRO B 233 22.85 -18.76 21.15
C PRO B 233 23.83 -19.83 20.70
N GLY B 234 24.38 -19.69 19.50
CA GLY B 234 25.33 -20.66 19.00
C GLY B 234 24.73 -21.75 18.11
N HIS B 235 23.45 -22.03 18.29
CA HIS B 235 22.78 -23.02 17.45
C HIS B 235 23.14 -22.79 15.97
N VAL B 236 23.57 -23.85 15.32
CA VAL B 236 24.02 -23.80 13.92
C VAL B 236 22.84 -23.61 12.97
N VAL B 237 23.07 -22.90 11.87
CA VAL B 237 22.08 -22.80 10.82
C VAL B 237 22.66 -23.23 9.48
N LEU B 238 21.79 -23.63 8.56
CA LEU B 238 22.17 -23.81 7.17
C LEU B 238 21.90 -22.52 6.39
N VAL B 239 22.83 -22.14 5.52
CA VAL B 239 22.71 -20.91 4.75
C VAL B 239 22.87 -21.16 3.25
N ILE B 240 21.79 -20.98 2.50
CA ILE B 240 21.82 -21.13 1.05
C ILE B 240 22.06 -19.78 0.40
N GLN B 241 23.23 -19.63 -0.23
CA GLN B 241 23.53 -18.46 -1.01
C GLN B 241 22.99 -18.68 -2.43
N ARG B 242 21.80 -18.15 -2.67
CA ARG B 242 21.08 -18.40 -3.93
C ARG B 242 21.21 -17.22 -4.89
N THR B 243 21.42 -17.50 -6.17
CA THR B 243 21.43 -16.44 -7.19
C THR B 243 20.66 -16.87 -8.44
N TYR B 244 19.68 -16.05 -8.83
CA TYR B 244 18.94 -16.27 -10.05
C TYR B 244 19.62 -15.59 -11.25
N PHE B 245 19.58 -16.26 -12.40
CA PHE B 245 20.23 -15.72 -13.60
C PHE B 245 19.27 -15.64 -14.78
N ALA B 246 19.29 -14.50 -15.44
CA ALA B 246 18.58 -14.30 -16.70
C ALA B 246 19.61 -14.10 -17.80
N SER B 247 19.89 -15.18 -18.52
CA SER B 247 20.84 -15.13 -19.65
C SER B 247 22.25 -14.74 -19.21
N GLY B 248 22.73 -15.32 -18.11
CA GLY B 248 24.08 -15.05 -17.64
C GLY B 248 24.23 -13.86 -16.71
N ARG B 249 23.20 -13.03 -16.64
CA ARG B 249 23.23 -11.86 -15.77
C ARG B 249 22.38 -12.09 -14.53
N PRO B 250 22.95 -11.85 -13.33
CA PRO B 250 22.20 -12.01 -12.08
C PRO B 250 21.05 -11.02 -12.00
N VAL B 251 19.89 -11.48 -11.55
CA VAL B 251 18.75 -10.60 -11.38
C VAL B 251 18.29 -10.59 -9.91
N GLU B 252 18.74 -11.59 -9.15
CA GLU B 252 18.44 -11.67 -7.74
C GLU B 252 19.48 -12.54 -7.06
N THR B 253 19.78 -12.22 -5.80
CA THR B 253 20.65 -13.06 -4.97
C THR B 253 20.13 -12.98 -3.53
N ALA B 254 20.31 -14.05 -2.76
CA ALA B 254 19.72 -14.11 -1.41
C ALA B 254 20.47 -15.05 -0.49
N ASP B 255 20.37 -14.78 0.80
CA ASP B 255 20.78 -15.74 1.81
C ASP B 255 19.50 -16.30 2.42
N VAL B 256 19.26 -17.60 2.23
CA VAL B 256 18.11 -18.27 2.81
C VAL B 256 18.62 -19.10 3.98
N VAL B 257 18.03 -18.88 5.15
CA VAL B 257 18.53 -19.46 6.40
C VAL B 257 17.51 -20.36 7.11
N VAL B 258 17.92 -21.61 7.39
CA VAL B 258 17.08 -22.56 8.15
C VAL B 258 17.85 -23.28 9.27
N PRO B 259 17.15 -23.57 10.38
CA PRO B 259 17.77 -24.22 11.54
C PRO B 259 18.26 -25.63 11.21
N ALA B 260 19.54 -25.89 11.46
CA ALA B 260 20.17 -27.16 11.12
C ALA B 260 19.55 -28.35 11.83
N ASP B 261 19.21 -28.19 13.12
CA ASP B 261 18.75 -29.30 13.93
C ASP B 261 17.38 -29.86 13.52
N ARG B 262 16.64 -29.08 12.74
CA ARG B 262 15.30 -29.48 12.34
C ARG B 262 15.16 -29.67 10.84
N TYR B 263 16.11 -29.13 10.09
CA TYR B 263 16.00 -29.15 8.63
C TYR B 263 17.22 -29.64 7.88
N ARG B 264 16.96 -30.29 6.74
CA ARG B 264 17.96 -30.53 5.73
C ARG B 264 17.50 -29.87 4.45
N VAL B 265 18.45 -29.46 3.62
CA VAL B 265 18.13 -28.86 2.32
C VAL B 265 18.17 -29.95 1.25
N ALA B 266 17.07 -30.12 0.51
CA ALA B 266 16.92 -31.28 -0.37
C ALA B 266 16.92 -30.94 -1.85
N TYR B 267 17.78 -31.62 -2.61
CA TYR B 267 17.87 -31.44 -4.06
C TYR B 267 17.59 -32.74 -4.79
N HIS B 268 16.96 -32.64 -5.95
CA HIS B 268 16.70 -33.81 -6.79
C HIS B 268 17.22 -33.51 -8.18
N LEU B 269 18.21 -34.29 -8.62
CA LEU B 269 18.91 -34.01 -9.86
C LEU B 269 18.82 -35.15 -10.86
N PRO B 270 18.77 -34.82 -12.15
CA PRO B 270 18.76 -35.82 -13.22
C PRO B 270 20.16 -36.37 -13.42
N VAL B 271 20.26 -37.65 -13.76
CA VAL B 271 21.57 -38.25 -14.02
C VAL B 271 21.68 -38.57 -15.52
N LYS B 272 22.50 -37.80 -16.23
CA LYS B 272 22.63 -37.93 -17.68
C LYS B 272 23.90 -38.69 -18.09
#